data_5XYF
#
_entry.id   5XYF
#
_cell.length_a   46.222
_cell.length_b   112.258
_cell.length_c   121.209
_cell.angle_alpha   90.000
_cell.angle_beta   90.000
_cell.angle_gamma   90.000
#
_symmetry.space_group_name_H-M   'C 2 2 21'
#
loop_
_entity.id
_entity.type
_entity.pdbx_description
1 polymer 'TERF1-interacting nuclear factor 2'
2 polymer 'Telomeric repeat-binding factor 2'
3 polymer 'Adrenocortical dysplasia protein homolog'
4 water water
#
loop_
_entity_poly.entity_id
_entity_poly.type
_entity_poly.pdbx_seq_one_letter_code
_entity_poly.pdbx_strand_id
1 'polypeptide(L)'
;GGSATPLVAGPAALRFAAAASWQVVRGRCVEHFPRVLEFLRSLRAVAPGLVRYRHHERLC(MSE)GLKAKVVVELILQGR
PWAQVLKALNHHFPESGPIVRDPKATKQDLRKILEAQETFYQQVKQLSEAPVDLASKLQELEQEYGEPFLAA(MSE)EKL
LFEYLCQLEKALPTPQAQQLQDVLSW(MSE)QPGVSITSSLAWRQYGVD(MSE)GWLLPE
;
A
2 'polypeptide(L)' SLQPKNKRMTISRLVLEE C
3 'polypeptide(L)' ADPRSSLCARVQAARLPPQL(MSE)AWALHFL(MSE)DAQPGSEPTP(MSE) B
#
# COMPACT_ATOMS: atom_id res chain seq x y z
N LEU A 7 6.60 22.93 1.37
CA LEU A 7 6.78 21.71 0.60
C LEU A 7 8.21 21.19 0.76
N VAL A 8 8.33 19.95 1.19
CA VAL A 8 9.55 19.47 1.86
C VAL A 8 10.08 18.21 1.19
N ALA A 9 11.20 17.70 1.71
CA ALA A 9 11.76 16.41 1.32
C ALA A 9 12.45 15.82 2.54
N GLY A 10 13.17 14.72 2.35
CA GLY A 10 13.94 14.12 3.40
C GLY A 10 13.13 13.21 4.31
N PRO A 11 13.63 12.99 5.53
CA PRO A 11 12.91 12.09 6.45
C PRO A 11 11.51 12.58 6.80
N ALA A 12 11.31 13.89 6.90
CA ALA A 12 9.99 14.41 7.22
C ALA A 12 8.98 14.05 6.13
N ALA A 13 9.38 14.20 4.87
CA ALA A 13 8.48 13.88 3.76
C ALA A 13 8.10 12.41 3.77
N LEU A 14 9.07 11.53 4.05
CA LEU A 14 8.78 10.10 4.10
C LEU A 14 7.83 9.78 5.25
N ARG A 15 8.03 10.41 6.40
CA ARG A 15 7.17 10.14 7.55
C ARG A 15 5.77 10.69 7.35
N PHE A 16 5.61 11.77 6.59
CA PHE A 16 4.29 12.29 6.28
C PHE A 16 3.50 11.31 5.44
N ALA A 17 4.13 10.78 4.38
CA ALA A 17 3.44 9.80 3.53
C ALA A 17 3.26 8.47 4.25
N ALA A 18 4.17 8.12 5.16
CA ALA A 18 4.02 6.88 5.92
C ALA A 18 2.85 7.00 6.91
N ALA A 19 2.77 8.13 7.62
CA ALA A 19 1.68 8.33 8.57
C ALA A 19 0.33 8.38 7.86
N ALA A 20 0.29 9.01 6.68
CA ALA A 20 -0.94 9.03 5.90
C ALA A 20 -1.30 7.63 5.41
N SER A 21 -0.31 6.89 4.90
CA SER A 21 -0.56 5.54 4.44
C SER A 21 -0.98 4.62 5.58
N TRP A 22 -0.40 4.83 6.77
CA TRP A 22 -0.75 4.00 7.92
C TRP A 22 -2.19 4.22 8.35
N GLN A 23 -2.67 5.47 8.27
CA GLN A 23 -4.08 5.73 8.58
C GLN A 23 -5.00 5.17 7.51
N VAL A 24 -4.58 5.25 6.24
CA VAL A 24 -5.41 4.75 5.14
C VAL A 24 -5.70 3.26 5.32
N VAL A 25 -4.66 2.48 5.62
CA VAL A 25 -4.83 1.04 5.72
C VAL A 25 -5.56 0.65 7.01
N ARG A 26 -5.21 1.29 8.13
CA ARG A 26 -5.92 1.01 9.37
C ARG A 26 -7.41 1.32 9.24
N GLY A 27 -7.74 2.47 8.65
CA GLY A 27 -9.12 2.84 8.43
C GLY A 27 -9.80 2.16 7.26
N ARG A 28 -9.07 1.31 6.52
CA ARG A 28 -9.62 0.58 5.38
C ARG A 28 -10.16 1.53 4.31
N CYS A 29 -9.42 2.60 4.05
CA CYS A 29 -9.84 3.63 3.08
C CYS A 29 -9.33 3.22 1.70
N VAL A 30 -10.07 2.28 1.09
CA VAL A 30 -9.64 1.69 -0.17
C VAL A 30 -9.48 2.74 -1.27
N GLU A 31 -10.27 3.82 -1.20
CA GLU A 31 -10.18 4.87 -2.22
C GLU A 31 -8.81 5.54 -2.23
N HIS A 32 -8.05 5.44 -1.15
CA HIS A 32 -6.69 5.98 -1.09
C HIS A 32 -5.62 4.92 -1.20
N PHE A 33 -6.00 3.65 -1.38
CA PHE A 33 -5.00 2.60 -1.59
C PHE A 33 -4.07 2.88 -2.77
N PRO A 34 -4.51 3.44 -3.90
CA PRO A 34 -3.54 3.80 -4.94
C PRO A 34 -2.45 4.73 -4.45
N ARG A 35 -2.75 5.63 -3.52
CA ARG A 35 -1.71 6.51 -2.98
C ARG A 35 -0.68 5.73 -2.19
N VAL A 36 -1.12 4.74 -1.40
CA VAL A 36 -0.19 3.90 -0.66
C VAL A 36 0.72 3.15 -1.63
N LEU A 37 0.18 2.75 -2.79
CA LEU A 37 0.97 2.03 -3.77
C LEU A 37 2.08 2.90 -4.34
N GLU A 38 1.76 4.16 -4.69
CA GLU A 38 2.80 5.06 -5.19
C GLU A 38 3.89 5.29 -4.15
N PHE A 39 3.49 5.42 -2.88
CA PHE A 39 4.48 5.60 -1.82
C PHE A 39 5.42 4.40 -1.73
N LEU A 40 4.86 3.19 -1.69
CA LEU A 40 5.68 1.99 -1.61
C LEU A 40 6.54 1.83 -2.86
N ARG A 41 6.00 2.21 -4.02
CA ARG A 41 6.78 2.10 -5.25
C ARG A 41 7.92 3.11 -5.26
N SER A 42 7.70 4.30 -4.69
CA SER A 42 8.79 5.26 -4.56
C SER A 42 9.85 4.76 -3.58
N LEU A 43 9.42 4.16 -2.47
CA LEU A 43 10.37 3.62 -1.51
C LEU A 43 11.21 2.51 -2.12
N ARG A 44 10.58 1.61 -2.90
CA ARG A 44 11.30 0.49 -3.48
C ARG A 44 12.33 0.98 -4.50
N ALA A 45 12.02 2.06 -5.22
CA ALA A 45 12.91 2.55 -6.26
C ALA A 45 14.22 3.08 -5.67
N VAL A 46 14.17 3.69 -4.48
CA VAL A 46 15.35 4.28 -3.87
C VAL A 46 16.00 3.32 -2.88
N ALA A 47 15.20 2.54 -2.14
CA ALA A 47 15.71 1.66 -1.09
C ALA A 47 15.08 0.28 -1.24
N PRO A 48 15.57 -0.53 -2.18
CA PRO A 48 15.07 -1.91 -2.29
C PRO A 48 15.44 -2.78 -1.10
N GLY A 49 16.43 -2.38 -0.31
CA GLY A 49 16.86 -3.16 0.84
C GLY A 49 16.07 -2.95 2.11
N LEU A 50 15.05 -2.09 2.09
CA LEU A 50 14.22 -1.88 3.28
C LEU A 50 13.58 -3.19 3.73
N VAL A 51 12.94 -3.90 2.80
CA VAL A 51 12.29 -5.17 3.05
C VAL A 51 12.66 -6.13 1.93
N ARG A 52 12.39 -7.42 2.17
CA ARG A 52 12.58 -8.41 1.12
C ARG A 52 11.58 -8.17 -0.01
N TYR A 53 11.93 -8.67 -1.20
CA TYR A 53 11.06 -8.52 -2.35
C TYR A 53 9.71 -9.18 -2.11
N ARG A 54 9.71 -10.38 -1.52
CA ARG A 54 8.45 -11.09 -1.26
C ARG A 54 7.56 -10.29 -0.33
N HIS A 55 8.14 -9.67 0.70
CA HIS A 55 7.36 -8.82 1.60
C HIS A 55 6.75 -7.65 0.85
N HIS A 56 7.54 -6.97 0.02
CA HIS A 56 7.05 -5.80 -0.70
C HIS A 56 5.93 -6.18 -1.67
N GLU A 57 6.10 -7.29 -2.40
CA GLU A 57 5.11 -7.65 -3.42
C GLU A 57 3.83 -8.22 -2.81
N ARG A 58 3.94 -8.95 -1.69
CA ARG A 58 2.74 -9.42 -1.00
C ARG A 58 1.83 -8.25 -0.64
N LEU A 59 2.43 -7.18 -0.10
CA LEU A 59 1.64 -6.03 0.33
C LEU A 59 1.07 -5.28 -0.88
N CYS A 60 1.90 -5.05 -1.90
CA CYS A 60 1.46 -4.27 -3.05
C CYS A 60 0.33 -4.98 -3.80
N GLY A 62 -1.76 -7.19 -2.45
CA GLY A 62 -2.93 -7.10 -1.59
C GLY A 62 -3.66 -5.79 -1.75
N LEU A 63 -2.91 -4.69 -1.83
CA LEU A 63 -3.52 -3.38 -2.06
C LEU A 63 -4.18 -3.30 -3.42
N LYS A 64 -3.53 -3.84 -4.46
CA LYS A 64 -4.11 -3.81 -5.80
C LYS A 64 -5.38 -4.65 -5.86
N ALA A 65 -5.34 -5.85 -5.31
CA ALA A 65 -6.51 -6.73 -5.36
C ALA A 65 -7.70 -6.09 -4.65
N LYS A 66 -7.46 -5.47 -3.49
CA LYS A 66 -8.55 -4.85 -2.75
C LYS A 66 -9.16 -3.68 -3.53
N VAL A 67 -8.32 -2.92 -4.24
CA VAL A 67 -8.83 -1.85 -5.10
C VAL A 67 -9.79 -2.42 -6.13
N VAL A 68 -9.39 -3.51 -6.80
CA VAL A 68 -10.25 -4.12 -7.82
C VAL A 68 -11.48 -4.72 -7.19
N VAL A 69 -11.32 -5.42 -6.06
CA VAL A 69 -12.46 -6.04 -5.39
C VAL A 69 -13.47 -4.98 -4.95
N GLU A 70 -12.98 -3.85 -4.44
CA GLU A 70 -13.88 -2.79 -3.99
C GLU A 70 -14.70 -2.22 -5.14
N LEU A 71 -14.07 -2.02 -6.30
CA LEU A 71 -14.81 -1.57 -7.47
C LEU A 71 -15.91 -2.57 -7.84
N ILE A 72 -15.63 -3.86 -7.71
CA ILE A 72 -16.63 -4.88 -8.00
C ILE A 72 -17.76 -4.81 -6.98
N LEU A 73 -17.41 -4.71 -5.69
CA LEU A 73 -18.41 -4.77 -4.64
C LEU A 73 -19.25 -3.50 -4.56
N GLN A 74 -18.74 -2.37 -5.05
CA GLN A 74 -19.54 -1.16 -5.10
C GLN A 74 -20.42 -1.06 -6.33
N GLY A 75 -20.34 -2.03 -7.24
CA GLY A 75 -21.21 -2.07 -8.39
C GLY A 75 -20.76 -1.30 -9.60
N ARG A 76 -19.46 -0.99 -9.71
CA ARG A 76 -18.96 -0.31 -10.89
C ARG A 76 -19.18 -1.17 -12.13
N PRO A 77 -19.41 -0.56 -13.30
CA PRO A 77 -19.56 -1.34 -14.52
C PRO A 77 -18.33 -2.19 -14.77
N TRP A 78 -18.57 -3.37 -15.36
CA TRP A 78 -17.48 -4.32 -15.57
C TRP A 78 -16.40 -3.75 -16.48
N ALA A 79 -16.78 -2.85 -17.39
CA ALA A 79 -15.79 -2.20 -18.24
C ALA A 79 -14.80 -1.39 -17.41
N GLN A 80 -15.27 -0.77 -16.33
CA GLN A 80 -14.37 -0.03 -15.44
C GLN A 80 -13.59 -0.96 -14.54
N VAL A 81 -14.22 -2.05 -14.09
CA VAL A 81 -13.50 -3.06 -13.31
C VAL A 81 -12.33 -3.62 -14.11
N LEU A 82 -12.57 -3.97 -15.38
CA LEU A 82 -11.54 -4.58 -16.19
C LEU A 82 -10.43 -3.60 -16.55
N LYS A 83 -10.75 -2.32 -16.68
CA LYS A 83 -9.72 -1.32 -16.94
C LYS A 83 -8.77 -1.20 -15.76
N ALA A 84 -9.31 -1.15 -14.54
CA ALA A 84 -8.46 -1.13 -13.35
C ALA A 84 -7.71 -2.43 -13.19
N LEU A 85 -8.35 -3.55 -13.54
CA LEU A 85 -7.69 -4.85 -13.46
C LEU A 85 -6.44 -4.90 -14.33
N ASN A 86 -6.57 -4.51 -15.60
CA ASN A 86 -5.44 -4.52 -16.50
C ASN A 86 -4.42 -3.44 -16.17
N HIS A 87 -4.82 -2.38 -15.47
CA HIS A 87 -3.87 -1.35 -15.08
C HIS A 87 -2.96 -1.85 -13.96
N HIS A 88 -3.54 -2.45 -12.95
CA HIS A 88 -2.81 -2.89 -11.80
C HIS A 88 -2.18 -4.25 -12.00
N PHE A 89 -2.67 -5.02 -12.96
CA PHE A 89 -2.12 -6.32 -13.28
C PHE A 89 -1.85 -6.50 -14.77
N PRO A 90 -0.85 -5.84 -15.29
CA PRO A 90 -0.62 -5.82 -16.73
C PRO A 90 0.17 -7.01 -17.21
N GLU A 91 0.12 -7.27 -18.52
CA GLU A 91 0.95 -8.29 -19.15
C GLU A 91 2.41 -8.38 -18.69
N SER A 92 3.12 -7.28 -18.55
CA SER A 92 4.55 -7.35 -18.31
C SER A 92 4.89 -6.60 -17.05
N GLY A 93 5.84 -7.10 -16.24
CA GLY A 93 6.58 -8.31 -16.52
C GLY A 93 7.80 -8.43 -15.62
N ARG A 97 13.02 -7.62 -8.37
CA ARG A 97 14.45 -7.45 -8.51
C ARG A 97 15.09 -7.17 -7.15
N ASP A 98 15.97 -8.09 -6.74
CA ASP A 98 16.50 -8.15 -5.38
C ASP A 98 17.63 -9.19 -5.38
N PRO A 99 18.67 -9.03 -4.56
CA PRO A 99 19.70 -10.08 -4.50
C PRO A 99 19.14 -11.45 -4.15
N LYS A 100 18.02 -11.49 -3.43
CA LYS A 100 17.28 -12.72 -3.15
C LYS A 100 15.86 -12.57 -3.68
N ALA A 101 15.74 -12.05 -4.91
CA ALA A 101 14.50 -12.08 -5.69
C ALA A 101 14.44 -13.44 -6.36
N THR A 102 14.05 -14.43 -5.56
CA THR A 102 14.19 -15.84 -5.89
C THR A 102 13.17 -16.26 -6.93
N LYS A 103 13.35 -17.48 -7.43
CA LYS A 103 12.40 -18.07 -8.37
C LYS A 103 11.19 -18.67 -7.67
N GLN A 104 11.35 -19.26 -6.48
CA GLN A 104 10.19 -19.85 -5.82
C GLN A 104 9.21 -18.76 -5.38
N ASP A 105 9.72 -17.63 -4.86
CA ASP A 105 8.84 -16.53 -4.49
C ASP A 105 8.26 -15.86 -5.72
N LEU A 106 9.05 -15.72 -6.78
CA LEU A 106 8.54 -15.16 -8.02
C LEU A 106 7.46 -16.06 -8.62
N ARG A 107 7.66 -17.38 -8.56
CA ARG A 107 6.64 -18.31 -9.02
C ARG A 107 5.31 -18.07 -8.31
N LYS A 108 5.35 -17.99 -6.98
CA LYS A 108 4.12 -17.83 -6.21
C LYS A 108 3.49 -16.46 -6.45
N ILE A 109 4.32 -15.43 -6.64
CA ILE A 109 3.81 -14.09 -6.89
C ILE A 109 3.14 -14.02 -8.26
N LEU A 110 3.80 -14.55 -9.29
CA LEU A 110 3.21 -14.57 -10.62
C LEU A 110 1.95 -15.45 -10.65
N GLU A 111 1.97 -16.57 -9.93
CA GLU A 111 0.82 -17.46 -9.89
C GLU A 111 -0.38 -16.79 -9.24
N ALA A 112 -0.15 -16.05 -8.15
CA ALA A 112 -1.25 -15.37 -7.47
C ALA A 112 -1.87 -14.30 -8.36
N GLN A 113 -1.05 -13.61 -9.16
CA GLN A 113 -1.58 -12.60 -10.08
C GLN A 113 -2.50 -13.23 -11.12
N GLU A 114 -2.08 -14.36 -11.70
CA GLU A 114 -2.84 -14.96 -12.78
C GLU A 114 -4.18 -15.50 -12.30
N THR A 115 -4.20 -16.13 -11.12
CA THR A 115 -5.45 -16.66 -10.59
C THR A 115 -6.43 -15.55 -10.23
N PHE A 116 -5.93 -14.42 -9.72
CA PHE A 116 -6.81 -13.28 -9.44
C PHE A 116 -7.31 -12.66 -10.74
N TYR A 117 -6.44 -12.55 -11.74
CA TYR A 117 -6.85 -12.00 -13.03
C TYR A 117 -7.94 -12.86 -13.66
N GLN A 118 -7.74 -14.18 -13.69
CA GLN A 118 -8.74 -15.07 -14.29
C GLN A 118 -10.02 -15.09 -13.46
N GLN A 119 -9.89 -14.98 -12.13
CA GLN A 119 -11.07 -14.93 -11.27
C GLN A 119 -11.95 -13.74 -11.60
N VAL A 120 -11.34 -12.56 -11.77
CA VAL A 120 -12.10 -11.36 -12.09
C VAL A 120 -12.68 -11.44 -13.50
N LYS A 121 -11.89 -11.95 -14.45
CA LYS A 121 -12.38 -12.11 -15.82
C LYS A 121 -13.60 -13.03 -15.87
N GLN A 122 -13.55 -14.15 -15.15
CA GLN A 122 -14.69 -15.06 -15.13
C GLN A 122 -15.91 -14.43 -14.47
N LEU A 123 -15.70 -13.59 -13.44
CA LEU A 123 -16.81 -12.88 -12.83
C LEU A 123 -17.44 -11.88 -13.81
N SER A 124 -16.60 -11.24 -14.64
CA SER A 124 -17.09 -10.25 -15.59
C SER A 124 -17.96 -10.84 -16.69
N GLU A 125 -17.93 -12.16 -16.87
CA GLU A 125 -18.75 -12.82 -17.88
C GLU A 125 -20.13 -13.20 -17.35
N ALA A 126 -20.48 -12.74 -16.16
CA ALA A 126 -21.77 -12.94 -15.51
C ALA A 126 -22.16 -14.42 -15.50
N PRO A 127 -21.44 -15.27 -14.76
CA PRO A 127 -21.87 -16.67 -14.64
C PRO A 127 -23.18 -16.76 -13.87
N VAL A 128 -23.83 -17.93 -14.01
CA VAL A 128 -25.16 -18.10 -13.43
C VAL A 128 -25.13 -17.97 -11.91
N ASP A 129 -24.01 -18.33 -11.28
CA ASP A 129 -23.84 -18.26 -9.84
C ASP A 129 -23.03 -17.05 -9.41
N LEU A 130 -23.19 -15.92 -10.10
CA LEU A 130 -22.35 -14.74 -9.84
C LEU A 130 -22.56 -14.23 -8.41
N ALA A 131 -23.79 -14.24 -7.92
CA ALA A 131 -24.06 -13.71 -6.58
C ALA A 131 -23.34 -14.51 -5.51
N SER A 132 -23.34 -15.84 -5.64
CA SER A 132 -22.61 -16.68 -4.69
C SER A 132 -21.11 -16.39 -4.74
N LYS A 133 -20.57 -16.17 -5.94
CA LYS A 133 -19.15 -15.92 -6.10
C LYS A 133 -18.75 -14.56 -5.54
N LEU A 134 -19.66 -13.58 -5.57
CA LEU A 134 -19.34 -12.27 -5.04
C LEU A 134 -19.28 -12.29 -3.51
N GLN A 135 -20.16 -13.07 -2.88
CA GLN A 135 -20.07 -13.23 -1.42
C GLN A 135 -18.81 -13.98 -1.02
N GLU A 136 -18.38 -14.94 -1.83
CA GLU A 136 -17.10 -15.59 -1.57
C GLU A 136 -15.93 -14.61 -1.74
N LEU A 137 -15.98 -13.79 -2.80
CA LEU A 137 -14.94 -12.81 -3.02
C LEU A 137 -14.88 -11.81 -1.88
N GLU A 138 -16.01 -11.43 -1.36
CA GLU A 138 -16.04 -10.50 -0.28
C GLU A 138 -15.45 -11.05 1.01
N GLN A 139 -15.65 -12.32 1.27
CA GLN A 139 -15.04 -13.00 2.38
C GLN A 139 -13.57 -13.21 2.17
N GLU A 140 -13.19 -13.58 0.96
CA GLU A 140 -11.83 -13.89 0.61
C GLU A 140 -10.92 -12.69 0.76
N TYR A 141 -11.41 -11.51 0.46
CA TYR A 141 -10.67 -10.31 0.63
C TYR A 141 -11.27 -9.41 1.70
N GLY A 142 -11.81 -9.99 2.76
CA GLY A 142 -12.35 -9.26 3.88
C GLY A 142 -11.41 -9.07 5.07
N GLU A 143 -11.95 -9.07 6.29
CA GLU A 143 -11.28 -8.64 7.52
C GLU A 143 -9.96 -9.30 7.85
N PRO A 144 -9.91 -10.61 7.74
CA PRO A 144 -8.67 -11.32 7.99
C PRO A 144 -7.62 -11.04 6.93
N PHE A 145 -8.03 -10.92 5.69
CA PHE A 145 -7.09 -10.50 4.66
C PHE A 145 -6.58 -9.09 4.92
N LEU A 146 -7.45 -8.19 5.38
CA LEU A 146 -7.06 -6.81 5.61
C LEU A 146 -6.17 -6.68 6.84
N ALA A 147 -6.43 -7.49 7.87
CA ALA A 147 -5.58 -7.46 9.06
C ALA A 147 -4.17 -7.92 8.75
N ALA A 148 -4.03 -8.98 7.94
CA ALA A 148 -2.71 -9.43 7.53
C ALA A 148 -2.00 -8.38 6.68
N GLU A 150 -2.49 -5.07 6.80
CA GLU A 150 -2.07 -4.02 7.72
C GLU A 150 -0.79 -4.41 8.46
N LYS A 151 -0.68 -5.69 8.83
CA LYS A 151 0.52 -6.16 9.51
C LYS A 151 1.75 -6.07 8.61
N LEU A 152 1.58 -6.34 7.30
CA LEU A 152 2.68 -6.21 6.37
C LEU A 152 3.13 -4.75 6.26
N LEU A 153 2.18 -3.83 6.20
CA LEU A 153 2.53 -2.41 6.13
C LEU A 153 3.22 -1.94 7.41
N PHE A 154 2.76 -2.43 8.56
CA PHE A 154 3.37 -2.05 9.83
C PHE A 154 4.85 -2.42 9.86
N GLU A 155 5.17 -3.65 9.45
CA GLU A 155 6.56 -4.08 9.44
C GLU A 155 7.37 -3.32 8.40
N TYR A 156 6.74 -2.98 7.26
CA TYR A 156 7.42 -2.17 6.25
C TYR A 156 7.77 -0.79 6.81
N LEU A 157 6.82 -0.16 7.51
CA LEU A 157 7.08 1.17 8.06
C LEU A 157 8.07 1.12 9.21
N CYS A 158 8.10 0.01 9.97
CA CYS A 158 9.11 -0.15 11.01
C CYS A 158 10.51 -0.17 10.41
N GLN A 159 10.67 -0.77 9.23
CA GLN A 159 11.97 -0.77 8.56
C GLN A 159 12.33 0.62 8.06
N LEU A 160 11.33 1.40 7.63
CA LEU A 160 11.60 2.78 7.22
C LEU A 160 12.08 3.63 8.38
N GLU A 161 11.44 3.48 9.55
CA GLU A 161 11.84 4.24 10.72
C GLU A 161 13.25 3.89 11.16
N LYS A 162 13.67 2.64 10.97
CA LYS A 162 15.03 2.25 11.34
C LYS A 162 16.07 2.97 10.49
N ALA A 163 15.73 3.31 9.26
CA ALA A 163 16.66 3.94 8.33
C ALA A 163 16.67 5.46 8.42
N LEU A 164 15.82 6.04 9.25
CA LEU A 164 15.67 7.48 9.37
C LEU A 164 16.32 8.00 10.66
N PRO A 165 16.66 9.30 10.70
CA PRO A 165 17.22 9.85 11.94
C PRO A 165 16.16 9.99 13.02
N THR A 166 16.56 10.49 14.19
CA THR A 166 15.64 10.61 15.31
C THR A 166 14.42 11.43 14.89
N PRO A 167 13.22 10.90 15.07
CA PRO A 167 12.04 11.67 14.68
C PRO A 167 11.91 12.90 15.54
N GLN A 168 11.13 13.84 15.03
CA GLN A 168 10.82 15.06 15.73
C GLN A 168 9.35 15.30 15.41
N ALA A 169 8.54 15.36 16.46
CA ALA A 169 7.10 15.37 16.30
C ALA A 169 6.60 16.71 15.78
N GLN A 170 7.47 17.72 15.78
CA GLN A 170 7.07 19.11 15.51
C GLN A 170 6.96 19.43 14.01
N GLN A 171 7.57 18.64 13.12
CA GLN A 171 7.68 19.02 11.71
C GLN A 171 6.31 19.21 11.06
N LEU A 172 5.35 18.34 11.36
CA LEU A 172 4.06 18.43 10.66
C LEU A 172 3.41 19.79 10.87
N GLN A 173 3.29 20.22 12.13
CA GLN A 173 2.73 21.53 12.42
C GLN A 173 3.56 22.64 11.78
N ASP A 174 4.89 22.50 11.77
CA ASP A 174 5.72 23.49 11.09
C ASP A 174 5.39 23.56 9.61
N VAL A 175 5.31 22.39 8.96
CA VAL A 175 5.07 22.36 7.51
C VAL A 175 3.66 22.86 7.18
N LEU A 176 2.66 22.43 7.96
CA LEU A 176 1.29 22.85 7.69
C LEU A 176 1.12 24.36 7.89
N SER A 177 1.87 24.95 8.81
CA SER A 177 1.79 26.39 9.01
C SER A 177 2.37 27.16 7.82
N TRP A 178 3.35 26.56 7.13
CA TRP A 178 3.88 27.21 5.93
C TRP A 178 2.89 27.14 4.78
N GLN A 180 -0.43 26.78 5.15
CA GLN A 180 -1.65 27.47 5.57
C GLN A 180 -1.29 28.53 6.62
N PRO A 181 -0.60 29.60 6.20
CA PRO A 181 -0.19 30.61 7.20
C PRO A 181 -1.39 31.40 7.70
N GLY A 182 -1.30 31.79 8.97
CA GLY A 182 -2.30 32.65 9.57
C GLY A 182 -3.57 31.97 10.04
N VAL A 183 -3.66 30.64 9.93
CA VAL A 183 -4.86 29.93 10.39
C VAL A 183 -4.44 28.92 11.44
N SER A 184 -5.42 28.50 12.24
CA SER A 184 -5.19 27.50 13.27
C SER A 184 -5.23 26.10 12.67
N ILE A 185 -4.16 25.33 12.88
CA ILE A 185 -4.05 23.97 12.41
C ILE A 185 -4.25 23.03 13.60
N THR A 186 -5.29 22.22 13.55
CA THR A 186 -5.54 21.24 14.60
C THR A 186 -4.58 20.07 14.44
N SER A 187 -4.01 19.63 15.57
CA SER A 187 -3.06 18.53 15.56
C SER A 187 -3.67 17.29 14.89
N SER A 188 -2.86 16.63 14.06
CA SER A 188 -3.32 15.47 13.31
C SER A 188 -3.34 14.24 14.21
N LEU A 189 -4.50 13.58 14.30
CA LEU A 189 -4.57 12.33 15.04
C LEU A 189 -3.84 11.21 14.31
N ALA A 190 -3.91 11.19 12.98
CA ALA A 190 -3.17 10.20 12.21
C ALA A 190 -1.67 10.35 12.42
N TRP A 191 -1.18 11.58 12.51
CA TRP A 191 0.23 11.81 12.78
C TRP A 191 0.63 11.32 14.16
N ARG A 192 -0.20 11.62 15.17
CA ARG A 192 0.12 11.18 16.54
C ARG A 192 0.00 9.67 16.67
N GLN A 193 -1.00 9.07 16.03
CA GLN A 193 -1.15 7.61 16.09
C GLN A 193 0.03 6.92 15.42
N TYR A 194 0.56 7.50 14.34
CA TYR A 194 1.76 6.94 13.71
C TYR A 194 2.94 7.00 14.66
N GLY A 195 3.09 8.10 15.38
CA GLY A 195 4.21 8.21 16.33
C GLY A 195 4.07 7.24 17.49
N VAL A 196 2.84 7.00 17.95
CA VAL A 196 2.63 6.03 19.02
C VAL A 196 2.95 4.62 18.54
N ASP A 197 2.43 4.25 17.36
CA ASP A 197 2.66 2.90 16.85
C ASP A 197 4.12 2.65 16.51
N GLY A 199 6.52 3.89 18.17
CA GLY A 199 7.24 3.95 19.42
C GLY A 199 8.06 5.20 19.63
N TRP A 200 7.55 6.35 19.19
CA TRP A 200 8.26 7.60 19.38
C TRP A 200 8.22 8.04 20.85
N LEU A 201 9.29 8.69 21.29
CA LEU A 201 9.36 9.21 22.66
C LEU A 201 8.38 10.36 22.84
N LYS B 7 -4.51 -26.73 -4.82
CA LYS B 7 -4.93 -25.36 -5.10
C LYS B 7 -3.77 -24.49 -5.55
N ARG B 8 -4.01 -23.71 -6.60
CA ARG B 8 -3.02 -22.75 -7.05
C ARG B 8 -3.07 -21.49 -6.20
N MET B 9 -1.91 -20.83 -6.07
CA MET B 9 -1.78 -19.71 -5.16
C MET B 9 -2.69 -18.55 -5.57
N THR B 10 -3.34 -17.98 -4.58
CA THR B 10 -4.08 -16.74 -4.72
C THR B 10 -3.43 -15.60 -3.98
N ILE B 11 -3.81 -14.40 -4.35
CA ILE B 11 -3.35 -13.20 -3.68
C ILE B 11 -3.74 -13.22 -2.22
N SER B 12 -4.99 -13.54 -1.97
CA SER B 12 -5.47 -13.77 -0.62
C SER B 12 -4.61 -14.68 0.24
N ARG B 13 -4.32 -15.88 -0.23
CA ARG B 13 -3.57 -16.82 0.54
C ARG B 13 -2.12 -16.41 0.64
N LEU B 14 -1.59 -15.82 -0.40
CA LEU B 14 -0.26 -15.29 -0.35
C LEU B 14 -0.10 -14.19 0.69
N VAL B 15 -1.10 -13.36 0.89
CA VAL B 15 -1.04 -12.33 1.89
C VAL B 15 -1.18 -12.94 3.27
N LEU B 16 -2.08 -13.89 3.41
CA LEU B 16 -2.34 -14.53 4.68
C LEU B 16 -1.27 -15.46 5.19
N GLU B 17 -0.42 -15.98 4.33
CA GLU B 17 0.54 -16.99 4.75
C GLU B 17 1.79 -16.46 5.43
N GLU B 18 2.72 -17.35 5.70
CA GLU B 18 3.87 -17.08 6.55
C GLU B 18 3.45 -16.76 7.98
N SER C 5 26.13 5.58 0.41
CA SER C 5 26.80 4.28 0.40
C SER C 5 26.09 3.30 1.33
N SER C 6 25.29 3.84 2.23
CA SER C 6 24.52 3.05 3.19
C SER C 6 23.03 3.20 2.92
N LEU C 7 22.25 2.31 3.54
CA LEU C 7 20.80 2.38 3.37
C LEU C 7 20.22 3.63 4.02
N CYS C 8 20.71 3.99 5.20
CA CYS C 8 20.20 5.17 5.88
C CYS C 8 20.42 6.43 5.05
N ALA C 9 21.64 6.64 4.56
CA ALA C 9 21.92 7.80 3.72
C ALA C 9 21.12 7.76 2.43
N ARG C 10 20.85 6.55 1.91
CA ARG C 10 20.10 6.44 0.66
C ARG C 10 18.62 6.75 0.88
N VAL C 11 18.07 6.33 2.03
CA VAL C 11 16.66 6.60 2.32
C VAL C 11 16.44 8.07 2.61
N GLN C 12 17.30 8.66 3.43
CA GLN C 12 17.12 10.05 3.85
C GLN C 12 17.34 11.05 2.72
N ALA C 13 17.91 10.62 1.59
CA ALA C 13 18.04 11.47 0.43
C ALA C 13 16.90 11.28 -0.57
N ALA C 14 15.86 10.53 -0.19
CA ALA C 14 14.76 10.26 -1.11
C ALA C 14 13.92 11.50 -1.37
N ARG C 15 13.40 11.59 -2.59
CA ARG C 15 12.49 12.66 -2.99
C ARG C 15 11.24 12.03 -3.59
N LEU C 16 10.10 12.23 -2.94
CA LEU C 16 8.86 11.63 -3.42
C LEU C 16 8.16 12.56 -4.41
N PRO C 17 7.24 12.02 -5.22
CA PRO C 17 6.54 12.86 -6.22
C PRO C 17 5.75 13.97 -5.57
N PRO C 18 5.74 15.18 -6.16
CA PRO C 18 5.03 16.30 -5.52
C PRO C 18 3.57 16.03 -5.22
N GLN C 19 2.85 15.33 -6.12
CA GLN C 19 1.43 15.10 -5.90
C GLN C 19 1.19 14.10 -4.77
N LEU C 20 2.11 13.17 -4.56
CA LEU C 20 2.00 12.27 -3.41
C LEU C 20 2.16 13.05 -2.11
N ALA C 22 1.49 16.34 -1.70
CA ALA C 22 0.29 17.17 -1.56
C ALA C 22 -0.87 16.37 -0.97
N TRP C 23 -1.08 15.15 -1.48
CA TRP C 23 -2.12 14.29 -0.94
C TRP C 23 -1.86 13.98 0.53
N ALA C 24 -0.61 13.64 0.86
CA ALA C 24 -0.29 13.21 2.23
C ALA C 24 -0.51 14.33 3.22
N LEU C 25 0.00 15.53 2.93
CA LEU C 25 -0.10 16.64 3.87
C LEU C 25 -1.55 17.07 4.08
N HIS C 26 -2.35 17.09 3.01
CA HIS C 26 -3.76 17.42 3.16
C HIS C 26 -4.51 16.33 3.90
N PHE C 27 -4.15 15.06 3.65
CA PHE C 27 -4.82 13.95 4.31
C PHE C 27 -4.59 13.99 5.82
N LEU C 28 -3.37 14.34 6.24
CA LEU C 28 -3.06 14.36 7.66
C LEU C 28 -3.83 15.45 8.40
#